data_9AUB
#
_entry.id   9AUB
#
_cell.length_a   58.520
_cell.length_b   58.520
_cell.length_c   250.200
_cell.angle_alpha   90.000
_cell.angle_beta   90.000
_cell.angle_gamma   120.000
#
_symmetry.space_group_name_H-M   'P 32 2 1'
#
loop_
_entity.id
_entity.type
_entity.pdbx_description
1 polymer 'BesB F231Y variant'
2 non-polymer 1,2-ETHANEDIOL
3 non-polymer GLYCEROL
4 non-polymer 'MAGNESIUM ION'
5 water water
#
_entity_poly.entity_id   1
_entity_poly.type   'polypeptide(L)'
_entity_poly.pdbx_seq_one_letter_code
;MGHHHHHHMSQAVSGTTGSADGLRHIAAGRPVPGSVHSVSVSIPDVASVIGYESNDAATLSRISWGYPRFRPHPYVVRVA
ELAAREDPAGERGGALLLTRSARAARAAAAYAGLPPGAARDLTLGGHVLSGVRLPDRGPGAARARAHVMHTGGHLSSRQA
EDVLWDAGLIDGRQVEETADDSPARAVAQALAGAYGVPGPRYVALRNSGMNAVAAAVEAVTEIQRDSGRRHWLQLGWIYF
DTMHLFEKKVVNVGHTTVPDPFDLAEVARVAAAHAGGLAGIIAEIPSNPGMGVPDLPALREIADRAGCALVVDATIATPH
NVDVVPYADVVCESLT(LLP)YATGSADVLAGAVVVAPGSPFAADLLTVLPRYGDEPYRRDTARVAARIRGYAERMVRVN
ANALALAECLRRHPDVVRDTSWALDTRSAANYRKVARDSGGPGGLLMVDLEVPLELVYDRLAVAKGPSFGAEFTMASPQV
FVAHYDLLTTPRGRAALRARGLHRDMLRVSVGTEPPELIVETFERALRPDKLRSLEHHHHHH
;
_entity_poly.pdbx_strand_id   A
#
# COMPACT_ATOMS: atom_id res chain seq x y z
N ASP A 21 -16.31 -15.49 8.80
CA ASP A 21 -17.42 -14.68 8.30
C ASP A 21 -17.22 -14.33 6.82
N GLY A 22 -16.20 -14.93 6.20
CA GLY A 22 -15.90 -14.69 4.81
C GLY A 22 -16.82 -15.46 3.87
N LEU A 23 -16.64 -15.19 2.58
CA LEU A 23 -17.33 -15.90 1.50
C LEU A 23 -18.84 -15.64 1.50
N ARG A 24 -19.24 -14.42 1.79
CA ARG A 24 -20.65 -14.05 1.75
C ARG A 24 -20.83 -12.76 0.95
N HIS A 25 -22.06 -12.53 0.50
CA HIS A 25 -22.40 -11.24 -0.11
C HIS A 25 -22.54 -10.19 0.99
N ILE A 26 -21.90 -9.05 0.78
CA ILE A 26 -21.95 -7.93 1.72
C ILE A 26 -22.71 -6.80 1.04
N ALA A 27 -23.71 -6.24 1.73
CA ALA A 27 -24.51 -5.20 1.13
C ALA A 27 -23.66 -4.00 0.74
N ALA A 28 -24.02 -3.37 -0.38
CA ALA A 28 -23.26 -2.26 -0.92
C ALA A 28 -23.18 -1.12 0.09
N GLY A 29 -21.98 -0.57 0.25
CA GLY A 29 -21.74 0.56 1.12
C GLY A 29 -21.41 0.22 2.55
N ARG A 30 -21.51 -1.04 2.95
CA ARG A 30 -21.19 -1.38 4.33
C ARG A 30 -19.68 -1.33 4.52
N PRO A 31 -19.18 -0.68 5.59
CA PRO A 31 -17.75 -0.74 5.86
C PRO A 31 -17.35 -2.19 6.10
N VAL A 32 -16.14 -2.54 5.65
CA VAL A 32 -15.65 -3.91 5.70
C VAL A 32 -14.30 -3.83 6.42
N PRO A 33 -14.09 -4.56 7.51
CA PRO A 33 -14.96 -5.61 8.05
C PRO A 33 -16.15 -5.15 8.88
N GLY A 34 -16.21 -3.89 9.26
CA GLY A 34 -17.37 -3.40 10.00
C GLY A 34 -17.00 -2.47 11.13
N SER A 35 -15.78 -2.62 11.65
CA SER A 35 -15.28 -1.75 12.71
C SER A 35 -15.32 -0.29 12.27
N VAL A 36 -15.43 0.62 13.25
CA VAL A 36 -15.27 2.05 12.99
C VAL A 36 -13.98 2.33 12.21
N HIS A 37 -12.95 1.50 12.40
CA HIS A 37 -11.65 1.71 11.78
C HIS A 37 -11.46 0.87 10.53
N SER A 38 -12.54 0.35 9.97
CA SER A 38 -12.47 -0.46 8.74
C SER A 38 -11.79 0.32 7.62
N VAL A 39 -10.87 -0.35 6.90
CA VAL A 39 -10.20 0.27 5.77
C VAL A 39 -10.88 -0.03 4.44
N SER A 40 -11.82 -0.95 4.40
CA SER A 40 -12.47 -1.27 3.14
C SER A 40 -13.97 -1.01 3.24
N VAL A 41 -14.66 -1.27 2.14
CA VAL A 41 -16.10 -1.01 2.03
C VAL A 41 -16.61 -1.87 0.90
N SER A 42 -17.85 -2.35 1.03
CA SER A 42 -18.42 -3.23 0.00
C SER A 42 -18.82 -2.42 -1.23
N ILE A 43 -18.18 -2.73 -2.35
CA ILE A 43 -18.55 -2.12 -3.64
C ILE A 43 -18.79 -3.30 -4.57
N PRO A 44 -19.97 -3.92 -4.50
CA PRO A 44 -20.10 -5.32 -4.95
C PRO A 44 -20.47 -5.53 -6.41
N ASP A 45 -20.70 -4.47 -7.19
CA ASP A 45 -20.96 -4.66 -8.61
C ASP A 45 -20.21 -3.61 -9.40
N VAL A 46 -19.98 -3.90 -10.68
CA VAL A 46 -19.17 -3.00 -11.50
C VAL A 46 -19.85 -1.64 -11.67
N ALA A 47 -21.18 -1.63 -11.77
CA ALA A 47 -21.90 -0.36 -11.84
C ALA A 47 -21.55 0.52 -10.66
N SER A 48 -21.52 -0.06 -9.45
CA SER A 48 -21.13 0.72 -8.27
C SER A 48 -19.67 1.13 -8.32
N VAL A 49 -18.80 0.25 -8.81
CA VAL A 49 -17.39 0.60 -8.97
C VAL A 49 -17.23 1.81 -9.86
N ILE A 50 -17.93 1.81 -11.01
CA ILE A 50 -17.84 2.94 -11.92
C ILE A 50 -18.37 4.21 -11.26
N GLY A 51 -19.49 4.10 -10.55
CA GLY A 51 -20.03 5.27 -9.87
C GLY A 51 -19.09 5.80 -8.81
N TYR A 52 -18.45 4.89 -8.08
CA TYR A 52 -17.53 5.28 -7.00
C TYR A 52 -16.27 5.93 -7.57
N GLU A 53 -15.64 5.29 -8.57
CA GLU A 53 -14.41 5.85 -9.12
C GLU A 53 -14.64 7.11 -9.94
N SER A 54 -15.84 7.30 -10.48
CA SER A 54 -16.17 8.52 -11.21
C SER A 54 -16.79 9.60 -10.33
N ASN A 55 -16.85 9.36 -9.01
CA ASN A 55 -17.36 10.35 -8.05
C ASN A 55 -18.81 10.73 -8.33
N ASP A 56 -19.59 9.76 -8.80
CA ASP A 56 -21.03 9.97 -8.95
C ASP A 56 -21.65 10.23 -7.58
N ALA A 57 -22.39 11.34 -7.45
CA ALA A 57 -22.83 11.77 -6.12
C ALA A 57 -23.79 10.77 -5.49
N ALA A 58 -24.70 10.19 -6.29
CA ALA A 58 -25.63 9.21 -5.73
C ALA A 58 -24.88 7.99 -5.21
N THR A 59 -23.86 7.54 -5.95
CA THR A 59 -23.10 6.39 -5.51
C THR A 59 -22.33 6.69 -4.24
N LEU A 60 -21.75 7.89 -4.14
CA LEU A 60 -20.97 8.23 -2.96
C LEU A 60 -21.84 8.47 -1.74
N SER A 61 -23.12 8.80 -1.94
CA SER A 61 -24.03 8.86 -0.81
C SER A 61 -24.34 7.46 -0.29
N ARG A 62 -24.54 6.52 -1.21
CA ARG A 62 -24.82 5.13 -0.85
C ARG A 62 -23.56 4.44 -0.32
N ILE A 63 -22.40 4.76 -0.92
CA ILE A 63 -21.14 4.15 -0.56
C ILE A 63 -20.19 5.28 -0.17
N SER A 64 -20.37 5.84 1.03
CA SER A 64 -19.56 7.00 1.43
C SER A 64 -18.23 6.61 2.05
N TRP A 65 -18.12 5.39 2.55
CA TRP A 65 -16.89 4.93 3.19
C TRP A 65 -15.82 4.69 2.12
N GLY A 66 -14.57 4.62 2.57
CA GLY A 66 -13.48 4.30 1.65
C GLY A 66 -12.21 4.06 2.40
N TYR A 67 -11.15 3.83 1.64
CA TYR A 67 -9.82 3.63 2.21
C TYR A 67 -9.36 4.94 2.82
N PRO A 68 -8.81 4.95 4.03
CA PRO A 68 -8.64 6.22 4.75
C PRO A 68 -7.63 7.16 4.13
N ARG A 69 -6.70 6.69 3.28
CA ARG A 69 -5.86 7.64 2.56
C ARG A 69 -6.58 8.28 1.39
N PHE A 70 -7.68 7.69 0.92
CA PHE A 70 -8.37 8.16 -0.27
C PHE A 70 -9.67 8.87 0.01
N ARG A 71 -10.37 8.52 1.09
CA ARG A 71 -11.63 9.16 1.45
C ARG A 71 -11.52 9.44 2.93
N PRO A 72 -11.56 10.71 3.36
CA PRO A 72 -11.32 11.02 4.77
C PRO A 72 -12.35 10.36 5.68
N HIS A 73 -11.87 9.76 6.75
CA HIS A 73 -12.75 9.10 7.70
C HIS A 73 -13.69 10.13 8.33
N PRO A 74 -14.94 9.78 8.59
CA PRO A 74 -15.89 10.75 9.16
C PRO A 74 -15.41 11.41 10.46
N TYR A 75 -14.67 10.68 11.30
CA TYR A 75 -14.18 11.30 12.53
C TYR A 75 -13.11 12.33 12.24
N VAL A 76 -12.28 12.08 11.22
CA VAL A 76 -11.26 13.05 10.82
C VAL A 76 -11.92 14.31 10.27
N VAL A 77 -12.95 14.13 9.45
CA VAL A 77 -13.71 15.28 8.93
C VAL A 77 -14.31 16.08 10.08
N ARG A 78 -14.91 15.40 11.06
CA ARG A 78 -15.53 16.12 12.16
C ARG A 78 -14.51 16.88 12.99
N VAL A 79 -13.36 16.26 13.26
CA VAL A 79 -12.32 16.94 14.03
C VAL A 79 -11.84 18.19 13.28
N ALA A 80 -11.67 18.08 11.97
CA ALA A 80 -11.24 19.24 11.19
C ALA A 80 -12.28 20.35 11.24
N GLU A 81 -13.56 20.00 11.13
CA GLU A 81 -14.61 21.01 11.18
C GLU A 81 -14.63 21.73 12.52
N LEU A 82 -14.46 20.98 13.61
CA LEU A 82 -14.52 21.56 14.95
C LEU A 82 -13.25 22.33 15.28
N ALA A 83 -12.09 21.83 14.86
CA ALA A 83 -10.85 22.57 15.09
C ALA A 83 -10.84 23.89 14.33
N ALA A 84 -11.52 23.95 13.19
CA ALA A 84 -11.60 25.20 12.44
C ALA A 84 -12.52 26.21 13.11
N ARG A 85 -13.59 25.73 13.77
CA ARG A 85 -14.51 26.65 14.45
C ARG A 85 -13.81 27.40 15.58
N GLU A 86 -12.79 26.80 16.18
CA GLU A 86 -12.11 27.42 17.32
C GLU A 86 -10.75 28.00 16.91
N GLU A 91 -9.61 32.50 8.91
CA GLU A 91 -9.83 32.11 10.30
C GLU A 91 -10.80 30.93 10.38
N ARG A 92 -12.10 31.22 10.47
CA ARG A 92 -13.10 30.17 10.64
C ARG A 92 -13.47 29.49 9.34
N GLY A 93 -13.36 30.19 8.21
CA GLY A 93 -13.75 29.64 6.92
C GLY A 93 -12.59 29.46 5.96
N ALA A 95 -10.86 25.54 4.29
CA ALA A 95 -10.68 24.09 4.31
C ALA A 95 -9.40 23.72 5.06
N LEU A 96 -9.49 22.71 5.92
CA LEU A 96 -8.39 22.29 6.77
C LEU A 96 -8.09 20.82 6.49
N LEU A 97 -6.84 20.54 6.12
CA LEU A 97 -6.40 19.17 5.85
C LEU A 97 -5.55 18.70 7.03
N LEU A 98 -6.06 17.73 7.79
CA LEU A 98 -5.36 17.28 8.98
C LEU A 98 -4.28 16.26 8.63
N THR A 99 -3.17 16.31 9.36
CA THR A 99 -2.01 15.46 9.11
C THR A 99 -1.60 14.76 10.41
N ARG A 100 -0.72 13.77 10.24
CA ARG A 100 -0.22 12.99 11.38
C ARG A 100 0.70 13.80 12.26
N SER A 101 1.39 14.79 11.70
CA SER A 101 2.38 15.55 12.44
C SER A 101 2.54 16.95 11.84
N ALA A 102 3.12 17.84 12.65
CA ALA A 102 3.49 19.15 12.13
C ALA A 102 4.49 19.02 10.99
N ARG A 103 5.41 18.08 11.11
CA ARG A 103 6.39 17.84 10.03
C ARG A 103 5.69 17.51 8.73
N ALA A 104 4.67 16.64 8.78
CA ALA A 104 3.92 16.29 7.58
C ALA A 104 3.15 17.48 7.04
N ALA A 105 2.60 18.31 7.93
CA ALA A 105 1.88 19.50 7.47
C ALA A 105 2.82 20.47 6.78
N ARG A 106 4.00 20.71 7.36
CA ARG A 106 4.96 21.59 6.73
C ARG A 106 5.39 21.07 5.36
N ALA A 107 5.59 19.75 5.25
CA ALA A 107 6.02 19.20 3.96
C ALA A 107 4.93 19.35 2.91
N ALA A 108 3.67 19.09 3.29
CA ALA A 108 2.58 19.21 2.33
C ALA A 108 2.40 20.65 1.89
N ALA A 109 2.54 21.60 2.82
CA ALA A 109 2.44 23.01 2.47
C ALA A 109 3.55 23.44 1.52
N ALA A 110 4.78 23.00 1.79
CA ALA A 110 5.90 23.36 0.91
C ALA A 110 5.72 22.78 -0.48
N TYR A 111 5.34 21.50 -0.56
CA TYR A 111 5.14 20.86 -1.85
C TYR A 111 4.05 21.56 -2.65
N ALA A 112 2.99 22.00 -1.96
CA ALA A 112 1.85 22.62 -2.61
C ALA A 112 2.07 24.09 -2.95
N GLY A 113 3.23 24.65 -2.60
CA GLY A 113 3.50 26.04 -2.88
C GLY A 113 2.78 27.03 -1.99
N LEU A 114 2.22 26.58 -0.88
CA LEU A 114 1.50 27.44 0.04
C LEU A 114 2.47 28.20 0.93
N PRO A 115 2.05 29.34 1.46
CA PRO A 115 2.91 30.06 2.40
C PRO A 115 3.18 29.20 3.63
N PRO A 116 4.31 29.43 4.31
CA PRO A 116 4.63 28.59 5.47
C PRO A 116 3.57 28.62 6.55
N GLY A 117 2.90 29.76 6.74
CA GLY A 117 1.84 29.86 7.73
C GLY A 117 0.61 29.03 7.43
N ALA A 118 0.54 28.41 6.25
CA ALA A 118 -0.56 27.50 5.96
C ALA A 118 -0.54 26.28 6.87
N ALA A 119 0.64 25.82 7.25
CA ALA A 119 0.77 24.72 8.20
C ALA A 119 0.60 25.29 9.61
N ARG A 120 -0.38 24.78 10.35
CA ARG A 120 -0.71 25.33 11.65
C ARG A 120 -0.93 24.20 12.64
N ASP A 121 -0.79 24.53 13.92
CA ASP A 121 -1.15 23.63 15.00
C ASP A 121 -2.46 24.11 15.62
N LEU A 122 -3.37 23.18 15.86
CA LEU A 122 -4.68 23.47 16.42
C LEU A 122 -4.89 22.60 17.64
N THR A 123 -5.96 22.89 18.38
CA THR A 123 -6.28 22.15 19.60
C THR A 123 -7.76 21.77 19.60
N LEU A 124 -8.04 20.60 20.18
CA LEU A 124 -9.41 20.15 20.41
C LEU A 124 -9.37 19.05 21.46
N GLY A 125 -10.21 19.16 22.48
CA GLY A 125 -10.32 18.11 23.49
C GLY A 125 -9.05 17.78 24.23
N GLY A 126 -8.20 18.78 24.50
CA GLY A 126 -6.92 18.52 25.12
C GLY A 126 -5.87 17.93 24.20
N HIS A 127 -6.11 17.88 22.89
CA HIS A 127 -5.18 17.30 21.95
C HIS A 127 -4.62 18.38 21.04
N VAL A 128 -3.37 18.19 20.62
CA VAL A 128 -2.74 19.03 19.60
C VAL A 128 -2.98 18.39 18.25
N LEU A 129 -3.44 19.19 17.30
CA LEU A 129 -3.65 18.72 15.93
C LEU A 129 -2.80 19.57 14.99
N SER A 130 -2.34 18.95 13.92
CA SER A 130 -1.61 19.66 12.89
C SER A 130 -2.34 19.52 11.58
N GLY A 131 -2.28 20.57 10.78
CA GLY A 131 -2.95 20.50 9.50
C GLY A 131 -2.52 21.65 8.61
N VAL A 132 -3.10 21.67 7.42
CA VAL A 132 -2.80 22.68 6.42
C VAL A 132 -4.09 23.40 6.07
N ARG A 133 -4.10 24.73 6.20
CA ARG A 133 -5.18 25.54 5.66
C ARG A 133 -5.02 25.63 4.15
N LEU A 134 -6.06 25.20 3.42
CA LEU A 134 -6.02 25.08 1.96
C LEU A 134 -6.71 26.27 1.30
N PRO A 135 -6.16 26.75 0.20
CA PRO A 135 -6.79 27.86 -0.52
C PRO A 135 -8.07 27.41 -1.24
N ASP A 136 -9.03 28.33 -1.31
CA ASP A 136 -10.28 28.02 -2.01
C ASP A 136 -10.07 27.92 -3.51
N ARG A 137 -9.13 28.67 -4.07
CA ARG A 137 -8.84 28.68 -5.50
C ARG A 137 -7.40 28.30 -5.75
N GLY A 138 -7.11 27.90 -6.98
CA GLY A 138 -5.79 27.48 -7.37
C GLY A 138 -5.58 25.98 -7.19
N PRO A 139 -4.42 25.48 -7.60
CA PRO A 139 -4.11 24.06 -7.46
C PRO A 139 -3.47 23.69 -6.12
N GLY A 140 -3.35 24.65 -5.20
CA GLY A 140 -2.68 24.38 -3.94
C GLY A 140 -3.37 23.31 -3.11
N ALA A 141 -4.71 23.36 -3.07
CA ALA A 141 -5.44 22.39 -2.26
C ALA A 141 -5.23 20.98 -2.78
N ALA A 142 -5.32 20.78 -4.09
CA ALA A 142 -5.12 19.45 -4.66
C ALA A 142 -3.70 18.95 -4.43
N ARG A 143 -2.72 19.84 -4.53
CA ARG A 143 -1.33 19.42 -4.33
C ARG A 143 -1.08 19.02 -2.88
N ALA A 144 -1.59 19.79 -1.91
CA ALA A 144 -1.43 19.42 -0.51
C ALA A 144 -2.11 18.09 -0.21
N ARG A 145 -3.33 17.90 -0.72
CA ARG A 145 -4.01 16.63 -0.52
C ARG A 145 -3.21 15.49 -1.12
N ALA A 146 -2.65 15.70 -2.32
CA ALA A 146 -1.89 14.62 -2.94
C ALA A 146 -0.67 14.26 -2.13
N HIS A 147 0.01 15.26 -1.56
CA HIS A 147 1.21 14.97 -0.78
C HIS A 147 0.87 14.11 0.42
N VAL A 148 -0.17 14.50 1.15
CA VAL A 148 -0.60 13.72 2.31
C VAL A 148 -1.01 12.31 1.89
N MET A 149 -1.74 12.20 0.79
CA MET A 149 -2.22 10.90 0.33
C MET A 149 -1.08 9.98 -0.09
N HIS A 150 -0.19 10.46 -0.97
CA HIS A 150 0.82 9.58 -1.54
C HIS A 150 1.92 9.23 -0.55
N THR A 151 2.10 10.03 0.51
CA THR A 151 3.08 9.76 1.55
C THR A 151 2.47 9.16 2.81
N GLY A 152 1.16 8.89 2.83
CA GLY A 152 0.53 8.35 4.03
C GLY A 152 0.69 9.20 5.27
N GLY A 153 0.61 10.52 5.13
CA GLY A 153 0.79 11.39 6.29
C GLY A 153 -0.48 11.90 6.93
N HIS A 154 -1.55 11.13 6.82
CA HIS A 154 -2.88 11.52 7.28
C HIS A 154 -3.04 11.26 8.78
N LEU A 155 -4.03 11.91 9.38
CA LEU A 155 -4.44 11.63 10.76
C LEU A 155 -5.27 10.36 10.77
N SER A 156 -4.97 9.45 11.69
CA SER A 156 -5.66 8.17 11.75
C SER A 156 -7.02 8.31 12.42
N SER A 157 -7.92 7.37 12.10
CA SER A 157 -9.25 7.40 12.72
C SER A 157 -9.19 7.09 14.22
N ARG A 158 -8.21 6.29 14.66
CA ARG A 158 -8.10 6.05 16.11
C ARG A 158 -7.72 7.32 16.84
N GLN A 159 -6.81 8.11 16.26
CA GLN A 159 -6.45 9.36 16.90
C GLN A 159 -7.63 10.33 16.90
N ALA A 160 -8.34 10.44 15.77
CA ALA A 160 -9.52 11.29 15.73
C ALA A 160 -10.60 10.82 16.69
N GLU A 161 -10.77 9.50 16.80
CA GLU A 161 -11.75 8.96 17.75
C GLU A 161 -11.40 9.37 19.17
N ASP A 162 -10.11 9.35 19.52
CA ASP A 162 -9.71 9.74 20.86
C ASP A 162 -9.91 11.23 21.10
N VAL A 163 -9.66 12.06 20.08
CA VAL A 163 -9.94 13.50 20.22
C VAL A 163 -11.41 13.72 20.52
N LEU A 164 -12.29 13.12 19.73
CA LEU A 164 -13.72 13.30 19.90
C LEU A 164 -14.20 12.74 21.22
N TRP A 165 -13.71 11.56 21.62
CA TRP A 165 -14.18 10.99 22.88
C TRP A 165 -13.72 11.83 24.07
N ASP A 166 -12.45 12.25 24.08
CA ASP A 166 -11.97 13.07 25.18
C ASP A 166 -12.71 14.40 25.26
N ALA A 167 -13.15 14.93 24.12
CA ALA A 167 -13.90 16.17 24.10
C ALA A 167 -15.36 15.96 24.45
N GLY A 168 -15.81 14.72 24.65
CA GLY A 168 -17.19 14.48 24.97
C GLY A 168 -18.14 14.56 23.80
N LEU A 169 -17.63 14.37 22.58
CA LEU A 169 -18.43 14.58 21.37
C LEU A 169 -18.92 13.29 20.72
N ILE A 170 -18.42 12.14 21.16
CA ILE A 170 -18.97 10.84 20.78
C ILE A 170 -19.20 10.05 22.04
N ASP A 171 -20.14 9.09 21.97
CA ASP A 171 -20.54 8.37 23.17
C ASP A 171 -19.51 7.34 23.58
N GLY A 172 -18.93 6.61 22.62
CA GLY A 172 -18.08 5.49 22.95
C GLY A 172 -17.01 5.29 21.89
N ARG A 173 -16.11 4.35 22.19
CA ARG A 173 -15.04 3.99 21.27
C ARG A 173 -15.23 2.56 20.78
N GLN A 174 -14.69 2.29 19.60
CA GLN A 174 -14.76 0.95 19.04
C GLN A 174 -13.97 -0.03 19.91
N VAL A 175 -14.64 -1.09 20.32
CA VAL A 175 -13.99 -2.14 21.10
C VAL A 175 -13.22 -3.05 20.15
N GLU A 176 -11.99 -3.39 20.54
CA GLU A 176 -11.13 -4.21 19.69
C GLU A 176 -9.98 -4.76 20.52
N GLU A 177 -9.39 -5.85 20.03
CA GLU A 177 -8.24 -6.46 20.68
C GLU A 177 -6.98 -5.65 20.38
N THR A 178 -6.28 -5.24 21.43
CA THR A 178 -5.01 -4.56 21.27
C THR A 178 -4.01 -5.15 22.26
N ALA A 179 -2.74 -4.90 21.99
CA ALA A 179 -1.66 -5.32 22.87
C ALA A 179 -0.89 -4.06 23.24
N ASP A 180 -1.25 -3.46 24.37
CA ASP A 180 -0.85 -2.10 24.70
C ASP A 180 0.51 -2.01 25.38
N ASP A 181 1.15 -3.12 25.73
CA ASP A 181 2.42 -3.05 26.46
C ASP A 181 3.56 -2.94 25.45
N SER A 182 4.22 -1.79 25.42
CA SER A 182 5.34 -1.50 24.52
C SER A 182 5.08 -2.00 23.10
N PRO A 183 4.01 -1.54 22.45
CA PRO A 183 3.63 -2.16 21.17
C PRO A 183 4.58 -1.89 20.04
N ALA A 184 5.24 -0.72 19.99
CA ALA A 184 6.19 -0.48 18.91
C ALA A 184 7.39 -1.41 19.00
N ARG A 185 7.88 -1.66 20.22
CA ARG A 185 8.94 -2.65 20.40
C ARG A 185 8.47 -4.04 19.99
N ALA A 186 7.25 -4.41 20.38
CA ALA A 186 6.72 -5.72 20.05
C ALA A 186 6.62 -5.91 18.54
N VAL A 187 6.10 -4.90 17.84
CA VAL A 187 5.97 -5.01 16.38
C VAL A 187 7.34 -5.06 15.73
N ALA A 188 8.26 -4.19 16.16
CA ALA A 188 9.58 -4.17 15.56
C ALA A 188 10.34 -5.46 15.82
N GLN A 189 10.15 -6.07 16.99
CA GLN A 189 10.81 -7.34 17.26
C GLN A 189 10.24 -8.45 16.38
N ALA A 190 8.92 -8.47 16.23
CA ALA A 190 8.30 -9.48 15.37
C ALA A 190 8.81 -9.35 13.94
N LEU A 191 8.92 -8.12 13.43
CA LEU A 191 9.40 -7.93 12.07
C LEU A 191 10.88 -8.22 11.95
N ALA A 192 11.68 -7.89 12.97
CA ALA A 192 13.10 -8.23 12.93
C ALA A 192 13.28 -9.74 12.80
N GLY A 193 12.48 -10.52 13.53
CA GLY A 193 12.57 -11.96 13.40
C GLY A 193 12.12 -12.47 12.04
N ALA A 194 11.05 -11.87 11.50
CA ALA A 194 10.53 -12.34 10.22
C ALA A 194 11.48 -12.02 9.07
N TYR A 195 12.13 -10.87 9.12
CA TYR A 195 13.06 -10.44 8.07
C TYR A 195 14.49 -10.92 8.28
N GLY A 196 14.80 -11.44 9.46
CA GLY A 196 16.15 -11.93 9.72
C GLY A 196 17.17 -10.84 9.92
N VAL A 197 16.81 -9.78 10.63
CA VAL A 197 17.78 -8.75 11.00
C VAL A 197 18.02 -8.81 12.51
N PRO A 198 19.14 -8.27 13.01
CA PRO A 198 19.54 -8.57 14.39
C PRO A 198 18.57 -8.11 15.47
N GLY A 199 17.75 -7.10 15.20
CA GLY A 199 16.83 -6.63 16.21
C GLY A 199 16.10 -5.36 15.81
N PRO A 200 15.31 -4.81 16.73
CA PRO A 200 14.46 -3.65 16.38
C PRO A 200 15.23 -2.42 15.95
N ARG A 201 16.53 -2.34 16.25
CA ARG A 201 17.32 -1.21 15.78
C ARG A 201 17.25 -1.06 14.26
N TYR A 202 17.06 -2.16 13.54
CA TYR A 202 17.05 -2.15 12.09
C TYR A 202 15.64 -2.01 11.50
N VAL A 203 14.63 -1.80 12.34
CA VAL A 203 13.24 -1.71 11.90
C VAL A 203 12.70 -0.35 12.35
N ALA A 204 12.15 0.40 11.40
CA ALA A 204 11.48 1.66 11.70
C ALA A 204 10.01 1.55 11.32
N LEU A 205 9.13 1.90 12.25
CA LEU A 205 7.70 1.88 11.97
C LEU A 205 7.25 3.25 11.50
N ARG A 206 6.35 3.25 10.50
CA ARG A 206 5.87 4.48 9.90
C ARG A 206 4.34 4.44 9.79
N ASN A 207 3.77 5.59 9.43
CA ASN A 207 2.32 5.83 9.57
C ASN A 207 1.47 4.95 8.66
N SER A 208 2.04 4.46 7.57
CA SER A 208 1.35 3.57 6.64
C SER A 208 2.43 3.00 5.75
N GLY A 209 2.05 2.06 4.88
CA GLY A 209 3.00 1.53 3.92
C GLY A 209 3.63 2.62 3.07
N MET A 210 2.81 3.54 2.56
CA MET A 210 3.34 4.64 1.76
C MET A 210 4.28 5.54 2.58
N ASN A 211 3.97 5.73 3.86
CA ASN A 211 4.86 6.56 4.70
C ASN A 211 6.22 5.90 4.85
N ALA A 212 6.26 4.56 4.92
CA ALA A 212 7.52 3.82 4.93
C ALA A 212 8.26 3.94 3.61
N VAL A 213 7.56 3.75 2.49
CA VAL A 213 8.19 3.88 1.17
C VAL A 213 8.76 5.28 0.97
N ALA A 214 7.95 6.30 1.28
CA ALA A 214 8.41 7.68 1.15
C ALA A 214 9.62 7.94 2.05
N ALA A 215 9.57 7.47 3.30
CA ALA A 215 10.71 7.71 4.18
C ALA A 215 11.97 7.03 3.67
N ALA A 216 11.85 5.79 3.17
CA ALA A 216 13.01 5.09 2.65
C ALA A 216 13.60 5.80 1.43
N VAL A 217 12.74 6.24 0.52
CA VAL A 217 13.20 6.93 -0.67
C VAL A 217 13.84 8.26 -0.31
N GLU A 218 13.21 9.02 0.59
CA GLU A 218 13.79 10.31 0.99
C GLU A 218 15.12 10.12 1.72
N ALA A 219 15.23 9.09 2.54
CA ALA A 219 16.47 8.86 3.28
C ALA A 219 17.60 8.45 2.35
N VAL A 220 17.31 7.54 1.41
CA VAL A 220 18.32 7.17 0.43
C VAL A 220 18.72 8.38 -0.39
N THR A 221 17.74 9.21 -0.79
CA THR A 221 18.04 10.38 -1.60
C THR A 221 18.97 11.33 -0.87
N GLU A 222 18.72 11.57 0.41
CA GLU A 222 19.57 12.51 1.14
C GLU A 222 20.98 11.96 1.32
N ILE A 223 21.11 10.66 1.56
CA ILE A 223 22.45 10.06 1.75
C ILE A 223 23.27 10.16 0.46
N GLN A 224 22.60 10.02 -0.68
CA GLN A 224 23.27 9.98 -1.98
C GLN A 224 23.50 11.37 -2.58
N ARG A 225 22.85 12.40 -2.04
CA ARG A 225 22.93 13.73 -2.61
C ARG A 225 24.38 14.22 -2.68
N ASP A 226 25.16 13.96 -1.63
CA ASP A 226 26.51 14.50 -1.55
C ASP A 226 27.40 13.99 -2.68
N SER A 227 27.14 12.79 -3.20
CA SER A 227 27.94 12.22 -4.27
C SER A 227 27.39 12.55 -5.66
N GLY A 228 26.42 13.46 -5.75
CA GLY A 228 25.84 13.82 -7.03
C GLY A 228 24.85 12.83 -7.58
N ARG A 229 24.36 11.90 -6.76
CA ARG A 229 23.42 10.88 -7.20
C ARG A 229 22.01 11.35 -6.83
N ARG A 230 21.22 11.69 -7.85
CA ARG A 230 19.91 12.26 -7.65
C ARG A 230 18.82 11.57 -8.47
N HIS A 231 19.15 10.51 -9.20
CA HIS A 231 18.21 9.88 -10.12
C HIS A 231 17.77 8.51 -9.60
N TRP A 232 16.50 8.17 -9.85
CA TRP A 232 15.95 6.89 -9.42
C TRP A 232 15.46 6.11 -10.63
N LEU A 233 15.63 4.80 -10.59
CA LEU A 233 15.04 3.91 -11.58
C LEU A 233 13.89 3.15 -10.93
N GLN A 234 12.72 3.20 -11.57
CA GLN A 234 11.56 2.46 -11.11
C GLN A 234 11.44 1.22 -11.98
N LEU A 235 11.46 0.04 -11.34
CA LEU A 235 11.49 -1.22 -12.08
C LEU A 235 10.07 -1.74 -12.31
N GLY A 236 9.60 -1.62 -13.54
CA GLY A 236 8.27 -2.06 -13.89
C GLY A 236 7.22 -1.09 -13.42
N TRP A 237 5.98 -1.50 -13.64
CA TRP A 237 4.83 -0.77 -13.13
C TRP A 237 4.54 -1.30 -11.73
N ILE A 238 4.58 -0.41 -10.75
CA ILE A 238 4.49 -0.81 -9.35
C ILE A 238 3.31 -0.08 -8.71
N TYR A 239 3.19 -0.14 -7.38
CA TYR A 239 2.01 0.40 -6.71
C TYR A 239 1.79 1.86 -7.10
N PHE A 240 0.53 2.19 -7.38
CA PHE A 240 0.25 3.47 -8.05
C PHE A 240 0.68 4.66 -7.20
N ASP A 241 0.52 4.59 -5.88
CA ASP A 241 0.96 5.74 -5.07
C ASP A 241 2.47 5.87 -5.08
N THR A 242 3.19 4.75 -5.18
CA THR A 242 4.65 4.86 -5.28
C THR A 242 5.04 5.50 -6.59
N MET A 243 4.36 5.12 -7.69
CA MET A 243 4.58 5.77 -8.98
C MET A 243 4.26 7.26 -8.91
N HIS A 244 3.18 7.64 -8.21
CA HIS A 244 2.86 9.07 -8.11
C HIS A 244 3.91 9.85 -7.31
N LEU A 245 4.53 9.22 -6.31
CA LEU A 245 5.60 9.90 -5.57
C LEU A 245 6.66 10.44 -6.51
N PHE A 246 7.03 9.64 -7.52
CA PHE A 246 8.05 10.07 -8.47
C PHE A 246 7.48 10.96 -9.56
N GLU A 247 6.36 10.54 -10.16
CA GLU A 247 5.79 11.27 -11.29
C GLU A 247 5.38 12.68 -10.88
N LYS A 248 4.79 12.83 -9.70
CA LYS A 248 4.36 14.13 -9.21
C LYS A 248 5.46 14.86 -8.45
N LYS A 249 6.66 14.27 -8.38
CA LYS A 249 7.79 14.87 -7.67
C LYS A 249 7.44 15.25 -6.24
N VAL A 250 6.60 14.43 -5.60
CA VAL A 250 6.45 14.50 -4.14
C VAL A 250 7.79 14.27 -3.47
N VAL A 251 8.56 13.31 -3.97
CA VAL A 251 9.99 13.26 -3.74
C VAL A 251 10.66 13.95 -4.93
N ASN A 252 11.49 14.96 -4.65
CA ASN A 252 12.00 15.84 -5.68
C ASN A 252 13.26 15.25 -6.29
N VAL A 253 13.07 14.23 -7.13
CA VAL A 253 14.17 13.57 -7.82
C VAL A 253 13.78 13.39 -9.28
N GLY A 254 14.79 13.17 -10.11
CA GLY A 254 14.53 12.65 -11.43
C GLY A 254 14.29 11.16 -11.38
N HIS A 255 13.58 10.65 -12.38
CA HIS A 255 13.34 9.22 -12.39
C HIS A 255 13.12 8.73 -13.81
N THR A 256 13.40 7.45 -14.01
CA THR A 256 13.15 6.75 -15.26
C THR A 256 12.47 5.44 -14.91
N THR A 257 11.41 5.10 -15.64
CA THR A 257 10.72 3.84 -15.45
C THR A 257 11.20 2.86 -16.51
N VAL A 258 11.66 1.69 -16.08
CA VAL A 258 11.94 0.57 -16.98
C VAL A 258 10.68 -0.29 -17.00
N PRO A 259 9.90 -0.28 -18.09
CA PRO A 259 8.54 -0.84 -18.00
C PRO A 259 8.49 -2.34 -17.82
N ASP A 260 9.48 -3.07 -18.31
CA ASP A 260 9.49 -4.53 -18.19
C ASP A 260 10.35 -4.91 -17.00
N PRO A 261 9.77 -5.36 -15.89
CA PRO A 261 10.59 -5.72 -14.71
C PRO A 261 11.47 -6.94 -14.93
N PHE A 262 11.27 -7.70 -16.00
CA PHE A 262 12.14 -8.82 -16.32
C PHE A 262 13.30 -8.42 -17.23
N ASP A 263 13.29 -7.19 -17.73
CA ASP A 263 14.17 -6.72 -18.80
C ASP A 263 15.48 -6.26 -18.17
N LEU A 264 16.32 -7.22 -17.79
CA LEU A 264 17.55 -6.89 -17.07
C LEU A 264 18.57 -6.21 -17.98
N ALA A 265 18.58 -6.55 -19.27
CA ALA A 265 19.48 -5.85 -20.19
C ALA A 265 19.12 -4.37 -20.28
N GLU A 266 17.82 -4.07 -20.30
CA GLU A 266 17.38 -2.69 -20.33
C GLU A 266 17.68 -1.98 -19.01
N VAL A 267 17.48 -2.66 -17.88
CA VAL A 267 17.85 -2.08 -16.60
C VAL A 267 19.31 -1.68 -16.61
N ALA A 268 20.18 -2.56 -17.10
CA ALA A 268 21.61 -2.26 -17.14
C ALA A 268 21.91 -1.12 -18.11
N ARG A 269 21.21 -1.07 -19.24
CA ARG A 269 21.43 0.01 -20.19
C ARG A 269 21.07 1.36 -19.59
N VAL A 270 19.93 1.43 -18.89
CA VAL A 270 19.51 2.68 -18.29
C VAL A 270 20.45 3.07 -17.15
N ALA A 271 20.89 2.09 -16.35
CA ALA A 271 21.87 2.37 -15.31
C ALA A 271 23.17 2.91 -15.90
N ALA A 272 23.64 2.33 -17.01
CA ALA A 272 24.86 2.81 -17.63
C ALA A 272 24.70 4.24 -18.15
N ALA A 273 23.50 4.57 -18.64
CA ALA A 273 23.26 5.92 -19.13
C ALA A 273 23.31 6.94 -18.01
N HIS A 274 22.98 6.51 -16.79
CA HIS A 274 23.01 7.35 -15.59
C HIS A 274 24.17 6.99 -14.67
N ALA A 275 25.29 6.52 -15.23
CA ALA A 275 26.37 5.98 -14.43
C ALA A 275 26.97 7.05 -13.54
N GLY A 276 27.14 6.71 -12.26
CA GLY A 276 27.55 7.66 -11.25
C GLY A 276 26.47 8.61 -10.79
N GLY A 277 25.27 8.53 -11.36
CA GLY A 277 24.20 9.46 -11.03
C GLY A 277 22.97 8.84 -10.43
N LEU A 278 22.96 7.52 -10.25
CA LEU A 278 21.80 6.80 -9.73
C LEU A 278 21.82 6.81 -8.20
N ALA A 279 20.78 7.38 -7.60
CA ALA A 279 20.63 7.29 -6.16
C ALA A 279 20.09 5.92 -5.74
N GLY A 280 19.15 5.37 -6.49
CA GLY A 280 18.52 4.14 -6.08
C GLY A 280 17.69 3.52 -7.18
N ILE A 281 17.37 2.25 -6.98
CA ILE A 281 16.40 1.51 -7.77
C ILE A 281 15.31 1.07 -6.81
N ILE A 282 14.05 1.23 -7.24
CA ILE A 282 12.93 0.78 -6.43
C ILE A 282 12.20 -0.33 -7.19
N ALA A 283 11.88 -1.40 -6.48
CA ALA A 283 11.23 -2.56 -7.07
C ALA A 283 10.26 -3.15 -6.07
N GLU A 284 9.33 -3.95 -6.58
CA GLU A 284 8.33 -4.61 -5.74
C GLU A 284 8.39 -6.11 -6.01
N ILE A 285 8.11 -6.90 -4.99
CA ILE A 285 8.06 -8.35 -5.20
C ILE A 285 6.87 -9.01 -4.52
N PRO A 286 5.93 -9.60 -5.28
CA PRO A 286 5.64 -9.32 -6.69
C PRO A 286 5.11 -7.89 -6.81
N SER A 287 4.92 -7.40 -8.03
CA SER A 287 4.42 -6.04 -8.21
C SER A 287 2.90 -5.93 -8.07
N ASN A 288 2.43 -4.74 -7.69
CA ASN A 288 1.02 -4.48 -7.49
C ASN A 288 0.51 -3.65 -8.65
N PRO A 289 -0.43 -4.14 -9.47
CA PRO A 289 -1.15 -5.41 -9.35
C PRO A 289 -0.73 -6.45 -10.38
N GLY A 290 0.26 -6.13 -11.23
CA GLY A 290 0.60 -7.04 -12.32
C GLY A 290 1.22 -8.34 -11.89
N MET A 291 1.74 -8.41 -10.67
CA MET A 291 2.28 -9.62 -10.05
C MET A 291 3.59 -10.12 -10.67
N GLY A 292 4.34 -9.25 -11.34
CA GLY A 292 5.65 -9.63 -11.86
C GLY A 292 6.68 -9.69 -10.74
N VAL A 293 7.53 -10.70 -10.79
CA VAL A 293 8.58 -10.93 -9.79
C VAL A 293 9.92 -10.61 -10.45
N PRO A 294 10.63 -9.58 -9.99
CA PRO A 294 11.95 -9.27 -10.54
C PRO A 294 13.02 -10.20 -9.98
N ASP A 295 14.18 -10.18 -10.66
CA ASP A 295 15.34 -11.02 -10.31
C ASP A 295 16.19 -10.21 -9.33
N LEU A 296 15.94 -10.41 -8.04
CA LEU A 296 16.60 -9.60 -7.02
C LEU A 296 18.11 -9.82 -6.95
N PRO A 297 18.62 -11.06 -7.04
CA PRO A 297 20.08 -11.23 -7.09
C PRO A 297 20.74 -10.49 -8.23
N ALA A 298 20.13 -10.53 -9.42
CA ALA A 298 20.67 -9.77 -10.54
C ALA A 298 20.60 -8.28 -10.30
N LEU A 299 19.50 -7.80 -9.71
CA LEU A 299 19.37 -6.38 -9.40
C LEU A 299 20.39 -5.94 -8.36
N ARG A 300 20.72 -6.81 -7.40
CA ARG A 300 21.76 -6.48 -6.43
C ARG A 300 23.10 -6.23 -7.12
N GLU A 301 23.43 -7.07 -8.11
CA GLU A 301 24.71 -6.90 -8.81
C GLU A 301 24.72 -5.60 -9.61
N ILE A 302 23.60 -5.28 -10.27
CA ILE A 302 23.48 -4.02 -11.00
C ILE A 302 23.61 -2.84 -10.04
N ALA A 303 22.92 -2.90 -8.90
CA ALA A 303 23.00 -1.80 -7.94
C ALA A 303 24.41 -1.65 -7.38
N ASP A 304 25.09 -2.76 -7.11
CA ASP A 304 26.47 -2.70 -6.64
C ASP A 304 27.38 -2.01 -7.66
N ARG A 305 27.22 -2.35 -8.94
CA ARG A 305 28.03 -1.72 -9.97
C ARG A 305 27.69 -0.24 -10.14
N ALA A 306 26.43 0.11 -9.92
CA ALA A 306 26.00 1.51 -10.06
C ALA A 306 26.29 2.35 -8.83
N GLY A 307 26.63 1.75 -7.70
CA GLY A 307 26.78 2.50 -6.47
C GLY A 307 25.47 3.02 -5.90
N CYS A 308 24.35 2.43 -6.26
CA CYS A 308 23.06 2.89 -5.79
C CYS A 308 22.46 1.91 -4.80
N ALA A 309 21.44 2.38 -4.10
CA ALA A 309 20.72 1.53 -3.16
C ALA A 309 19.60 0.80 -3.87
N LEU A 310 19.31 -0.41 -3.41
CA LEU A 310 18.18 -1.19 -3.91
C LEU A 310 17.10 -1.20 -2.83
N VAL A 311 15.95 -0.60 -3.14
CA VAL A 311 14.82 -0.53 -2.21
C VAL A 311 13.76 -1.47 -2.76
N VAL A 312 13.28 -2.37 -1.92
CA VAL A 312 12.35 -3.42 -2.32
C VAL A 312 11.11 -3.36 -1.44
N ASP A 313 9.93 -3.28 -2.07
CA ASP A 313 8.65 -3.33 -1.36
C ASP A 313 8.18 -4.77 -1.45
N ALA A 314 8.18 -5.48 -0.31
CA ALA A 314 7.90 -6.91 -0.26
C ALA A 314 6.51 -7.20 0.31
N THR A 315 5.62 -6.20 0.32
CA THR A 315 4.29 -6.36 0.92
C THR A 315 3.56 -7.60 0.41
N ILE A 316 3.58 -7.80 -0.91
CA ILE A 316 2.73 -8.84 -1.47
C ILE A 316 3.27 -10.25 -1.21
N ALA A 317 4.59 -10.41 -1.18
CA ALA A 317 5.15 -11.73 -0.88
C ALA A 317 5.07 -12.05 0.61
N THR A 318 5.30 -11.04 1.46
CA THR A 318 5.49 -11.14 2.93
C THR A 318 6.88 -11.69 3.28
N PRO A 319 7.45 -11.28 4.41
CA PRO A 319 8.73 -11.86 4.83
C PRO A 319 8.63 -13.31 5.24
N HIS A 320 7.42 -13.85 5.39
CA HIS A 320 7.30 -15.27 5.69
C HIS A 320 7.46 -16.14 4.45
N ASN A 321 7.41 -15.55 3.27
CA ASN A 321 7.58 -16.32 2.04
C ASN A 321 8.90 -16.09 1.33
N VAL A 322 9.50 -14.91 1.48
CA VAL A 322 10.74 -14.59 0.77
C VAL A 322 11.73 -13.99 1.75
N ASP A 323 13.00 -14.15 1.43
CA ASP A 323 14.12 -13.62 2.21
C ASP A 323 14.86 -12.65 1.29
N VAL A 324 14.49 -11.38 1.36
CA VAL A 324 15.01 -10.37 0.44
C VAL A 324 16.04 -9.43 1.04
N VAL A 325 16.15 -9.36 2.37
CA VAL A 325 17.18 -8.58 3.06
C VAL A 325 18.59 -8.85 2.51
N PRO A 326 18.98 -10.10 2.22
CA PRO A 326 20.32 -10.32 1.65
C PRO A 326 20.58 -9.58 0.34
N TYR A 327 19.54 -9.17 -0.37
CA TYR A 327 19.71 -8.54 -1.69
C TYR A 327 19.34 -7.08 -1.70
N ALA A 328 18.47 -6.62 -0.80
CA ALA A 328 18.07 -5.24 -0.75
C ALA A 328 18.94 -4.47 0.24
N ASP A 329 19.05 -3.16 0.01
CA ASP A 329 19.61 -2.30 1.05
C ASP A 329 18.54 -1.89 2.04
N VAL A 330 17.32 -1.69 1.56
CA VAL A 330 16.18 -1.31 2.37
C VAL A 330 14.97 -2.12 1.88
N VAL A 331 14.18 -2.63 2.83
CA VAL A 331 12.91 -3.27 2.50
C VAL A 331 11.78 -2.48 3.14
N CYS A 332 10.69 -2.29 2.40
CA CYS A 332 9.49 -1.68 2.96
C CYS A 332 8.33 -2.66 2.92
N GLU A 333 7.38 -2.49 3.85
CA GLU A 333 6.19 -3.33 3.90
C GLU A 333 5.02 -2.49 4.41
N SER A 334 3.87 -2.63 3.76
CA SER A 334 2.62 -2.11 4.31
C SER A 334 2.05 -3.14 5.27
N LEU A 335 2.07 -2.82 6.56
CA LEU A 335 1.50 -3.71 7.57
C LEU A 335 -0.03 -3.72 7.57
N THR A 336 -0.64 -2.83 6.80
CA THR A 336 -2.08 -2.71 6.64
C THR A 336 -2.65 -4.00 6.07
N TYR A 338 -1.45 -8.22 4.95
CA TYR A 338 -1.47 -9.52 5.64
C TYR A 338 -0.78 -9.53 7.00
N ALA A 339 0.14 -8.59 7.26
CA ALA A 339 0.77 -8.56 8.58
C ALA A 339 -0.26 -8.44 9.69
N THR A 340 -1.37 -7.75 9.44
CA THR A 340 -2.44 -7.68 10.43
C THR A 340 -3.62 -8.56 10.09
N GLY A 341 -3.99 -8.68 8.82
CA GLY A 341 -5.09 -9.55 8.47
C GLY A 341 -6.45 -9.07 8.92
N SER A 342 -6.55 -7.84 9.42
CA SER A 342 -7.78 -7.34 10.02
C SER A 342 -8.47 -6.25 9.22
N ALA A 343 -7.82 -5.72 8.17
CA ALA A 343 -8.39 -4.65 7.34
C ALA A 343 -8.94 -3.50 8.18
N ASP A 344 -8.19 -3.14 9.22
CA ASP A 344 -8.68 -2.10 10.13
C ASP A 344 -7.57 -1.25 10.74
N VAL A 345 -6.36 -1.29 10.22
CA VAL A 345 -5.29 -0.44 10.73
C VAL A 345 -4.25 -0.22 9.63
N LEU A 346 -3.77 1.01 9.52
CA LEU A 346 -2.69 1.33 8.59
C LEU A 346 -1.40 1.48 9.38
N ALA A 347 -0.32 0.91 8.83
CA ALA A 347 1.03 1.08 9.38
C ALA A 347 2.00 0.56 8.34
N GLY A 348 3.24 1.02 8.43
CA GLY A 348 4.28 0.58 7.53
C GLY A 348 5.57 0.31 8.29
N ALA A 349 6.46 -0.41 7.62
CA ALA A 349 7.75 -0.72 8.22
C ALA A 349 8.85 -0.49 7.20
N VAL A 350 9.97 0.05 7.68
CA VAL A 350 11.22 0.12 6.93
C VAL A 350 12.20 -0.79 7.62
N VAL A 351 12.84 -1.68 6.85
CA VAL A 351 13.84 -2.60 7.39
C VAL A 351 15.16 -2.31 6.69
N VAL A 352 16.17 -1.92 7.46
CA VAL A 352 17.48 -1.60 6.91
C VAL A 352 18.35 -2.86 6.96
N ALA A 353 18.97 -3.21 5.84
CA ALA A 353 19.82 -4.39 5.80
C ALA A 353 21.11 -4.13 6.56
N PRO A 354 21.47 -4.97 7.54
CA PRO A 354 22.66 -4.70 8.35
C PRO A 354 23.94 -4.68 7.55
N GLY A 355 24.02 -5.46 6.47
CA GLY A 355 25.20 -5.53 5.64
C GLY A 355 25.30 -4.50 4.56
N SER A 356 24.31 -3.62 4.43
CA SER A 356 24.34 -2.61 3.39
C SER A 356 25.45 -1.58 3.68
N PRO A 357 26.17 -1.14 2.65
CA PRO A 357 27.08 0.00 2.83
C PRO A 357 26.38 1.25 3.32
N PHE A 358 25.07 1.38 3.06
CA PHE A 358 24.29 2.54 3.47
C PHE A 358 23.70 2.40 4.87
N ALA A 359 23.90 1.26 5.55
CA ALA A 359 23.17 0.98 6.79
C ALA A 359 23.41 2.05 7.85
N ALA A 360 24.67 2.34 8.16
CA ALA A 360 24.94 3.32 9.22
C ALA A 360 24.31 4.67 8.90
N ASP A 361 24.44 5.12 7.67
CA ASP A 361 23.86 6.41 7.29
C ASP A 361 22.34 6.35 7.31
N LEU A 362 21.76 5.22 6.87
CA LEU A 362 20.30 5.09 6.88
C LEU A 362 19.75 5.21 8.30
N LEU A 363 20.38 4.52 9.26
CA LEU A 363 19.89 4.58 10.63
C LEU A 363 20.06 5.97 11.24
N THR A 364 21.01 6.75 10.74
CA THR A 364 21.19 8.13 11.21
C THR A 364 20.15 9.07 10.60
N VAL A 365 19.81 8.86 9.33
CA VAL A 365 18.99 9.79 8.55
C VAL A 365 17.49 9.46 8.65
N LEU A 366 17.14 8.17 8.71
CA LEU A 366 15.73 7.76 8.71
C LEU A 366 14.84 8.48 9.72
N PRO A 367 15.26 8.74 10.97
CA PRO A 367 14.38 9.45 11.92
C PRO A 367 13.89 10.80 11.43
N ARG A 368 14.57 11.41 10.45
CA ARG A 368 14.17 12.70 9.91
C ARG A 368 13.00 12.62 8.94
N TYR A 369 12.59 11.42 8.52
CA TYR A 369 11.59 11.28 7.47
C TYR A 369 10.42 10.42 7.94
N GLY A 370 9.21 10.88 7.65
CA GLY A 370 8.01 10.13 8.00
C GLY A 370 7.67 10.28 9.46
N ASP A 371 6.63 9.56 9.87
CA ASP A 371 6.13 9.64 11.23
C ASP A 371 5.81 8.24 11.72
N GLU A 372 6.11 7.97 12.99
CA GLU A 372 5.63 6.74 13.59
C GLU A 372 4.10 6.79 13.66
N PRO A 373 3.44 5.63 13.63
CA PRO A 373 1.99 5.62 13.77
C PRO A 373 1.59 6.09 15.17
N TYR A 374 0.36 6.60 15.25
CA TYR A 374 -0.27 6.83 16.55
C TYR A 374 -0.22 5.53 17.36
N ARG A 375 0.07 5.65 18.66
CA ARG A 375 0.40 4.45 19.42
C ARG A 375 -0.76 3.47 19.55
N ARG A 376 -2.01 3.96 19.57
CA ARG A 376 -3.16 3.05 19.57
C ARG A 376 -3.23 2.23 18.29
N ASP A 377 -2.87 2.83 17.15
CA ASP A 377 -2.76 2.03 15.92
C ASP A 377 -1.67 0.97 16.06
N THR A 378 -0.51 1.34 16.62
CA THR A 378 0.57 0.38 16.80
C THR A 378 0.14 -0.77 17.70
N ALA A 379 -0.62 -0.47 18.77
CA ALA A 379 -1.11 -1.51 19.68
C ALA A 379 -2.07 -2.47 18.99
N ARG A 380 -2.84 -1.98 18.02
CA ARG A 380 -3.66 -2.89 17.21
C ARG A 380 -2.78 -3.78 16.36
N VAL A 381 -1.76 -3.20 15.71
CA VAL A 381 -0.82 -4.01 14.93
C VAL A 381 -0.15 -5.07 15.82
N ALA A 382 0.24 -4.68 17.03
CA ALA A 382 0.94 -5.61 17.92
C ALA A 382 0.07 -6.84 18.24
N ALA A 383 -1.24 -6.64 18.43
CA ALA A 383 -2.11 -7.78 18.67
C ALA A 383 -2.26 -8.63 17.41
N ARG A 384 -2.45 -7.99 16.26
CA ARG A 384 -2.76 -8.71 15.04
C ARG A 384 -1.54 -9.38 14.42
N ILE A 385 -0.34 -8.85 14.66
CA ILE A 385 0.84 -9.43 14.02
C ILE A 385 1.25 -10.75 14.65
N ARG A 386 0.73 -11.06 15.85
CA ARG A 386 1.10 -12.31 16.49
C ARG A 386 0.76 -13.51 15.62
N GLY A 387 -0.30 -13.42 14.82
CA GLY A 387 -0.72 -14.52 13.98
C GLY A 387 -0.18 -14.51 12.57
N TYR A 388 0.85 -13.72 12.27
CA TYR A 388 1.27 -13.50 10.87
C TYR A 388 1.71 -14.80 10.20
N ALA A 389 2.65 -15.53 10.83
CA ALA A 389 3.19 -16.72 10.18
C ALA A 389 2.11 -17.77 9.98
N GLU A 390 1.27 -18.00 10.99
CA GLU A 390 0.22 -19.00 10.87
C GLU A 390 -0.78 -18.59 9.80
N ARG A 391 -1.12 -17.30 9.75
CA ARG A 391 -1.99 -16.76 8.73
C ARG A 391 -1.45 -17.10 7.34
N MET A 392 -0.15 -16.89 7.13
CA MET A 392 0.40 -17.09 5.79
C MET A 392 0.43 -18.55 5.37
N VAL A 393 0.56 -19.49 6.32
CA VAL A 393 0.47 -20.90 5.96
C VAL A 393 -0.87 -21.19 5.28
N ARG A 394 -1.97 -20.72 5.88
CA ARG A 394 -3.29 -20.97 5.31
C ARG A 394 -3.52 -20.18 4.04
N VAL A 395 -3.06 -18.92 4.00
CA VAL A 395 -3.22 -18.08 2.80
C VAL A 395 -2.49 -18.72 1.63
N ASN A 396 -1.26 -19.19 1.86
CA ASN A 396 -0.47 -19.81 0.79
C ASN A 396 -1.21 -21.01 0.21
N ALA A 397 -1.72 -21.89 1.09
CA ALA A 397 -2.43 -23.07 0.60
C ALA A 397 -3.66 -22.69 -0.21
N ASN A 398 -4.36 -21.64 0.21
CA ASN A 398 -5.57 -21.23 -0.48
C ASN A 398 -5.25 -20.65 -1.85
N ALA A 399 -4.17 -19.89 -1.96
CA ALA A 399 -3.79 -19.31 -3.24
C ALA A 399 -3.41 -20.42 -4.23
N LEU A 400 -2.67 -21.43 -3.75
CA LEU A 400 -2.34 -22.57 -4.61
C LEU A 400 -3.59 -23.29 -5.08
N ALA A 401 -4.56 -23.50 -4.17
CA ALA A 401 -5.79 -24.21 -4.57
C ALA A 401 -6.59 -23.39 -5.56
N LEU A 402 -6.70 -22.08 -5.34
CA LEU A 402 -7.50 -21.25 -6.25
C LEU A 402 -6.82 -21.11 -7.61
N ALA A 403 -5.49 -21.03 -7.65
CA ALA A 403 -4.81 -20.94 -8.94
C ALA A 403 -5.13 -22.15 -9.83
N GLU A 404 -5.18 -23.33 -9.23
CA GLU A 404 -5.53 -24.52 -10.01
C GLU A 404 -6.97 -24.46 -10.49
N CYS A 405 -7.88 -23.95 -9.64
CA CYS A 405 -9.27 -23.77 -10.06
C CYS A 405 -9.38 -22.84 -11.26
N LEU A 406 -8.66 -21.71 -11.22
CA LEU A 406 -8.75 -20.72 -12.29
C LEU A 406 -8.26 -21.30 -13.61
N ARG A 407 -7.23 -22.14 -13.57
CA ARG A 407 -6.68 -22.74 -14.78
C ARG A 407 -7.71 -23.66 -15.43
N ARG A 408 -8.62 -24.23 -14.65
CA ARG A 408 -9.64 -25.14 -15.14
C ARG A 408 -10.86 -24.42 -15.71
N HIS A 409 -10.83 -23.09 -15.84
CA HIS A 409 -11.92 -22.35 -16.46
C HIS A 409 -11.43 -21.55 -17.66
N PRO A 410 -10.91 -22.23 -18.69
CA PRO A 410 -10.32 -21.50 -19.82
C PRO A 410 -11.33 -20.76 -20.69
N ASP A 411 -12.63 -20.98 -20.52
CA ASP A 411 -13.62 -20.21 -21.27
C ASP A 411 -13.95 -18.88 -20.62
N VAL A 412 -13.49 -18.65 -19.39
CA VAL A 412 -13.78 -17.43 -18.65
C VAL A 412 -12.52 -16.69 -18.25
N VAL A 413 -11.48 -17.44 -17.90
CA VAL A 413 -10.23 -16.88 -17.40
C VAL A 413 -9.19 -16.96 -18.51
N ARG A 414 -8.74 -15.81 -18.99
CA ARG A 414 -7.74 -15.78 -20.04
C ARG A 414 -6.36 -16.13 -19.51
N ASP A 415 -6.01 -15.58 -18.35
CA ASP A 415 -4.75 -15.92 -17.69
C ASP A 415 -4.83 -15.42 -16.26
N THR A 416 -3.89 -15.90 -15.44
CA THR A 416 -3.76 -15.49 -14.05
C THR A 416 -2.29 -15.19 -13.82
N SER A 417 -2.00 -13.98 -13.36
CA SER A 417 -0.64 -13.56 -13.06
C SER A 417 -0.43 -13.67 -11.56
N TRP A 418 0.63 -14.35 -11.17
CA TRP A 418 0.91 -14.56 -9.75
C TRP A 418 2.35 -15.03 -9.62
N ALA A 419 2.78 -15.25 -8.37
CA ALA A 419 4.20 -15.45 -8.12
C ALA A 419 4.75 -16.70 -8.77
N LEU A 420 3.89 -17.71 -8.98
CA LEU A 420 4.33 -19.01 -9.47
C LEU A 420 3.84 -19.28 -10.89
N ASP A 421 3.49 -18.24 -11.64
CA ASP A 421 3.18 -18.43 -13.04
C ASP A 421 4.47 -18.64 -13.86
N THR A 422 4.35 -18.82 -15.17
CA THR A 422 5.54 -19.12 -15.95
C THR A 422 6.44 -17.90 -16.17
N ARG A 423 5.90 -16.70 -16.02
CA ARG A 423 6.73 -15.51 -16.11
CA ARG A 423 6.73 -15.51 -16.11
C ARG A 423 7.62 -15.36 -14.87
N SER A 424 7.04 -15.62 -13.69
CA SER A 424 7.65 -15.19 -12.44
C SER A 424 8.25 -16.29 -11.58
N ALA A 425 7.91 -17.56 -11.83
CA ALA A 425 8.27 -18.63 -10.89
C ALA A 425 9.77 -18.73 -10.67
N ALA A 426 10.56 -18.68 -11.74
CA ALA A 426 12.00 -18.82 -11.59
C ALA A 426 12.59 -17.69 -10.74
N ASN A 427 12.18 -16.46 -11.01
CA ASN A 427 12.69 -15.34 -10.20
C ASN A 427 12.24 -15.47 -8.76
N TYR A 428 10.99 -15.91 -8.55
CA TYR A 428 10.49 -16.04 -7.18
C TYR A 428 11.27 -17.09 -6.40
N ARG A 429 11.60 -18.22 -7.04
CA ARG A 429 12.34 -19.28 -6.37
C ARG A 429 13.72 -18.82 -5.93
N LYS A 430 14.28 -17.79 -6.57
CA LYS A 430 15.60 -17.30 -6.17
C LYS A 430 15.61 -16.77 -4.75
N VAL A 431 14.48 -16.23 -4.28
CA VAL A 431 14.41 -15.63 -2.95
C VAL A 431 13.41 -16.31 -2.03
N ALA A 432 12.63 -17.28 -2.52
CA ALA A 432 11.62 -17.91 -1.69
C ALA A 432 12.26 -18.69 -0.56
N ARG A 433 11.62 -18.66 0.61
CA ARG A 433 12.06 -19.47 1.72
C ARG A 433 11.69 -20.92 1.49
N ASP A 434 12.44 -21.83 2.12
CA ASP A 434 12.18 -23.25 1.96
C ASP A 434 10.74 -23.61 2.31
N SER A 435 10.20 -22.95 3.32
CA SER A 435 8.79 -23.11 3.68
C SER A 435 7.88 -22.20 2.86
N GLY A 436 8.44 -21.45 1.91
CA GLY A 436 7.73 -20.30 1.36
C GLY A 436 6.72 -20.68 0.29
N GLY A 437 5.59 -19.95 0.30
CA GLY A 437 4.57 -20.11 -0.70
C GLY A 437 4.42 -18.84 -1.52
N PRO A 438 3.34 -18.76 -2.31
CA PRO A 438 3.17 -17.66 -3.26
C PRO A 438 2.56 -16.39 -2.67
N GLY A 439 2.19 -16.38 -1.40
CA GLY A 439 1.37 -15.28 -0.89
C GLY A 439 -0.07 -15.44 -1.34
N GLY A 440 -0.86 -14.40 -1.11
CA GLY A 440 -2.30 -14.55 -1.30
C GLY A 440 -2.93 -13.90 -2.52
N LEU A 441 -2.12 -13.29 -3.38
CA LEU A 441 -2.67 -12.44 -4.44
C LEU A 441 -2.61 -13.15 -5.79
N LEU A 442 -3.70 -13.03 -6.55
CA LEU A 442 -3.78 -13.55 -7.92
C LEU A 442 -4.44 -12.48 -8.76
N MET A 443 -3.83 -12.14 -9.90
CA MET A 443 -4.40 -11.13 -10.79
C MET A 443 -5.05 -11.85 -11.97
N VAL A 444 -6.39 -11.81 -12.01
CA VAL A 444 -7.17 -12.64 -12.91
C VAL A 444 -7.60 -11.80 -14.12
N ASP A 445 -7.18 -12.22 -15.30
CA ASP A 445 -7.51 -11.58 -16.57
C ASP A 445 -8.68 -12.34 -17.18
N LEU A 446 -9.83 -11.68 -17.35
CA LEU A 446 -11.06 -12.34 -17.80
C LEU A 446 -11.30 -12.16 -19.29
N GLU A 447 -11.85 -13.21 -19.91
CA GLU A 447 -12.30 -13.21 -21.29
C GLU A 447 -13.73 -12.70 -21.46
N VAL A 448 -14.40 -12.40 -20.35
CA VAL A 448 -15.78 -11.90 -20.36
C VAL A 448 -15.76 -10.55 -19.65
N PRO A 449 -16.79 -9.73 -19.84
CA PRO A 449 -16.90 -8.48 -19.05
C PRO A 449 -16.84 -8.77 -17.56
N LEU A 450 -16.19 -7.86 -16.84
CA LEU A 450 -15.96 -8.08 -15.41
C LEU A 450 -17.28 -8.32 -14.68
N GLU A 451 -18.35 -7.65 -15.11
CA GLU A 451 -19.67 -7.77 -14.48
C GLU A 451 -20.12 -9.22 -14.33
N LEU A 452 -19.81 -10.06 -15.32
CA LEU A 452 -20.37 -11.40 -15.34
C LEU A 452 -19.77 -12.30 -14.27
N VAL A 453 -18.61 -11.94 -13.72
CA VAL A 453 -17.98 -12.67 -12.63
C VAL A 453 -18.07 -11.89 -11.33
N TYR A 454 -17.67 -10.63 -11.37
CA TYR A 454 -17.55 -9.82 -10.16
C TYR A 454 -18.89 -9.63 -9.45
N ASP A 455 -19.94 -9.29 -10.21
CA ASP A 455 -21.20 -8.93 -9.55
C ASP A 455 -21.77 -10.08 -8.74
N ARG A 456 -21.55 -11.32 -9.18
CA ARG A 456 -22.13 -12.49 -8.54
C ARG A 456 -21.19 -13.18 -7.57
N LEU A 457 -19.93 -12.76 -7.52
CA LEU A 457 -18.92 -13.40 -6.67
C LEU A 457 -19.20 -13.08 -5.21
N ALA A 458 -19.30 -14.13 -4.38
CA ALA A 458 -19.63 -13.97 -2.96
C ALA A 458 -18.36 -13.87 -2.11
N VAL A 459 -17.66 -12.76 -2.29
CA VAL A 459 -16.53 -12.37 -1.43
C VAL A 459 -16.66 -10.89 -1.11
N ALA A 460 -15.77 -10.41 -0.24
CA ALA A 460 -15.74 -9.00 0.10
C ALA A 460 -15.08 -8.26 -1.05
N LYS A 461 -15.83 -7.44 -1.74
CA LYS A 461 -15.34 -6.75 -2.92
C LYS A 461 -15.19 -5.28 -2.60
N GLY A 462 -14.00 -4.73 -2.81
CA GLY A 462 -13.68 -3.41 -2.34
C GLY A 462 -12.19 -3.16 -2.29
N PRO A 463 -11.80 -2.00 -1.77
CA PRO A 463 -10.38 -1.64 -1.75
C PRO A 463 -9.61 -2.36 -0.66
N SER A 464 -8.28 -2.32 -0.84
CA SER A 464 -7.30 -2.98 0.01
C SER A 464 -7.29 -4.49 -0.19
N PHE A 465 -6.47 -5.18 0.59
CA PHE A 465 -6.33 -6.63 0.48
C PHE A 465 -5.66 -7.10 1.76
N GLY A 466 -5.47 -8.42 1.85
CA GLY A 466 -4.66 -8.97 2.93
C GLY A 466 -5.42 -9.19 4.22
N ALA A 467 -6.71 -9.46 4.15
CA ALA A 467 -7.51 -9.81 5.31
C ALA A 467 -7.55 -11.33 5.48
N GLU A 468 -8.05 -11.76 6.64
CA GLU A 468 -8.27 -13.19 6.85
C GLU A 468 -9.52 -13.70 6.16
N PHE A 469 -10.36 -12.81 5.64
CA PHE A 469 -11.44 -13.20 4.75
C PHE A 469 -11.02 -12.86 3.33
N THR A 470 -11.51 -13.64 2.38
CA THR A 470 -11.12 -13.45 0.99
C THR A 470 -11.74 -12.16 0.44
N MET A 471 -10.94 -11.42 -0.31
CA MET A 471 -11.34 -10.16 -0.90
C MET A 471 -11.07 -10.17 -2.39
N ALA A 472 -11.75 -9.30 -3.12
CA ALA A 472 -11.40 -9.10 -4.52
C ALA A 472 -11.57 -7.62 -4.87
N SER A 473 -10.71 -7.14 -5.76
CA SER A 473 -10.73 -5.75 -6.18
C SER A 473 -10.74 -5.65 -7.69
N PRO A 474 -11.57 -4.76 -8.24
CA PRO A 474 -11.50 -4.42 -9.68
C PRO A 474 -10.34 -3.44 -9.87
N GLN A 475 -9.12 -3.98 -9.78
CA GLN A 475 -7.99 -3.13 -9.42
C GLN A 475 -7.62 -2.14 -10.52
N VAL A 476 -7.91 -2.44 -11.80
CA VAL A 476 -7.62 -1.45 -12.83
C VAL A 476 -8.53 -0.23 -12.70
N PHE A 477 -9.75 -0.42 -12.21
CA PHE A 477 -10.63 0.72 -11.91
C PHE A 477 -10.09 1.52 -10.73
N VAL A 478 -9.56 0.83 -9.72
CA VAL A 478 -9.07 1.51 -8.52
C VAL A 478 -7.85 2.36 -8.85
N ALA A 479 -6.88 1.78 -9.55
CA ALA A 479 -5.64 2.48 -9.84
C ALA A 479 -5.74 3.40 -11.04
N HIS A 480 -6.56 3.06 -12.04
CA HIS A 480 -6.45 3.73 -13.34
C HIS A 480 -7.81 3.97 -13.99
N TYR A 481 -8.83 4.36 -13.22
CA TYR A 481 -10.13 4.63 -13.84
C TYR A 481 -10.01 5.65 -14.96
N ASP A 482 -9.20 6.69 -14.77
CA ASP A 482 -9.07 7.73 -15.77
C ASP A 482 -8.61 7.18 -17.11
N LEU A 483 -7.67 6.23 -17.10
CA LEU A 483 -7.17 5.66 -18.35
C LEU A 483 -8.19 4.71 -18.99
N LEU A 484 -9.07 4.09 -18.19
CA LEU A 484 -10.06 3.19 -18.75
C LEU A 484 -11.11 3.91 -19.58
N THR A 485 -11.24 5.24 -19.46
CA THR A 485 -12.38 5.93 -20.03
C THR A 485 -12.21 6.35 -21.49
N THR A 486 -11.03 6.21 -22.09
CA THR A 486 -10.85 6.62 -23.48
C THR A 486 -10.04 5.59 -24.24
N PRO A 487 -10.16 5.57 -25.57
CA PRO A 487 -9.31 4.67 -26.38
C PRO A 487 -7.82 4.85 -26.15
N ARG A 488 -7.31 6.07 -26.09
CA ARG A 488 -5.86 6.24 -25.89
C ARG A 488 -5.45 5.84 -24.48
N GLY A 489 -6.30 6.11 -23.49
CA GLY A 489 -6.02 5.63 -22.15
C GLY A 489 -5.96 4.12 -22.09
N ARG A 490 -6.89 3.47 -22.79
CA ARG A 490 -6.89 2.00 -22.78
C ARG A 490 -5.69 1.44 -23.52
N ALA A 491 -5.21 2.14 -24.56
CA ALA A 491 -3.98 1.74 -25.23
C ALA A 491 -2.80 1.84 -24.28
N ALA A 492 -2.75 2.90 -23.49
CA ALA A 492 -1.69 3.03 -22.50
C ALA A 492 -1.72 1.89 -21.50
N LEU A 493 -2.92 1.53 -21.01
CA LEU A 493 -3.01 0.41 -20.08
C LEU A 493 -2.59 -0.90 -20.75
N ARG A 494 -3.02 -1.10 -22.01
CA ARG A 494 -2.65 -2.31 -22.73
C ARG A 494 -1.13 -2.46 -22.82
N ALA A 495 -0.42 -1.35 -22.98
CA ALA A 495 1.04 -1.43 -23.01
C ALA A 495 1.63 -1.89 -21.69
N ARG A 496 0.87 -1.76 -20.59
CA ARG A 496 1.28 -2.22 -19.28
C ARG A 496 0.77 -3.62 -18.97
N GLY A 497 0.12 -4.27 -19.93
CA GLY A 497 -0.45 -5.58 -19.70
C GLY A 497 -1.79 -5.58 -19.01
N LEU A 498 -2.48 -4.44 -18.96
CA LEU A 498 -3.69 -4.30 -18.16
C LEU A 498 -4.88 -3.94 -19.03
N HIS A 499 -6.07 -4.28 -18.55
CA HIS A 499 -7.31 -3.89 -19.19
C HIS A 499 -8.44 -3.93 -18.18
N ARG A 500 -9.61 -3.48 -18.64
CA ARG A 500 -10.76 -3.28 -17.77
C ARG A 500 -11.13 -4.54 -17.00
N ASP A 501 -11.16 -5.67 -17.67
CA ASP A 501 -11.85 -6.85 -17.16
C ASP A 501 -10.85 -7.75 -16.44
N MET A 502 -10.38 -7.24 -15.30
CA MET A 502 -9.41 -7.90 -14.46
C MET A 502 -9.86 -7.81 -13.02
N LEU A 503 -9.55 -8.85 -12.26
CA LEU A 503 -9.96 -8.96 -10.87
C LEU A 503 -8.75 -9.38 -10.05
N ARG A 504 -8.36 -8.57 -9.08
CA ARG A 504 -7.29 -8.94 -8.15
C ARG A 504 -7.91 -9.66 -6.96
N VAL A 505 -7.57 -10.92 -6.78
CA VAL A 505 -8.12 -11.70 -5.68
C VAL A 505 -7.08 -11.74 -4.58
N SER A 506 -7.51 -11.57 -3.34
CA SER A 506 -6.63 -11.68 -2.18
C SER A 506 -7.25 -12.75 -1.28
N VAL A 507 -6.68 -13.96 -1.29
CA VAL A 507 -7.31 -15.06 -0.55
C VAL A 507 -7.13 -14.86 0.96
N GLY A 508 -8.14 -15.28 1.70
CA GLY A 508 -8.15 -15.27 3.14
C GLY A 508 -7.71 -16.61 3.69
N THR A 509 -8.19 -16.93 4.89
CA THR A 509 -7.83 -18.18 5.58
C THR A 509 -8.98 -19.17 5.67
N GLU A 510 -10.06 -18.97 4.89
CA GLU A 510 -11.17 -19.91 4.89
C GLU A 510 -10.71 -21.26 4.34
N PRO A 511 -11.48 -22.32 4.57
CA PRO A 511 -11.12 -23.63 3.99
C PRO A 511 -10.98 -23.55 2.48
N PRO A 512 -9.95 -24.18 1.91
CA PRO A 512 -9.71 -24.02 0.47
C PRO A 512 -10.85 -24.53 -0.40
N GLU A 513 -11.52 -25.61 0.01
CA GLU A 513 -12.62 -26.13 -0.78
C GLU A 513 -13.78 -25.14 -0.86
N LEU A 514 -13.96 -24.31 0.17
CA LEU A 514 -15.04 -23.34 0.14
C LEU A 514 -14.69 -22.14 -0.73
N ILE A 515 -13.43 -21.70 -0.70
CA ILE A 515 -12.99 -20.65 -1.62
C ILE A 515 -13.14 -21.12 -3.06
N VAL A 516 -12.68 -22.34 -3.35
CA VAL A 516 -12.78 -22.86 -4.70
C VAL A 516 -14.23 -22.93 -5.15
N GLU A 517 -15.12 -23.41 -4.27
CA GLU A 517 -16.52 -23.53 -4.66
C GLU A 517 -17.14 -22.15 -4.90
N THR A 518 -16.74 -21.16 -4.10
CA THR A 518 -17.25 -19.80 -4.28
C THR A 518 -16.86 -19.26 -5.65
N PHE A 519 -15.62 -19.49 -6.08
CA PHE A 519 -15.19 -19.00 -7.38
C PHE A 519 -15.79 -19.83 -8.52
N GLU A 520 -15.93 -21.14 -8.33
CA GLU A 520 -16.57 -21.95 -9.36
C GLU A 520 -17.99 -21.44 -9.67
N ARG A 521 -18.72 -21.04 -8.63
CA ARG A 521 -20.09 -20.58 -8.81
C ARG A 521 -20.14 -19.25 -9.55
N ALA A 522 -19.16 -18.38 -9.34
CA ALA A 522 -19.12 -17.09 -10.02
C ALA A 522 -18.57 -17.21 -11.44
N LEU A 523 -17.74 -18.22 -11.70
CA LEU A 523 -17.11 -18.36 -13.03
C LEU A 523 -18.00 -19.07 -14.03
N ARG A 524 -19.02 -19.79 -13.59
CA ARG A 524 -19.87 -20.48 -14.55
C ARG A 524 -21.15 -19.67 -14.82
#